data_2AZK
#
_entry.id   2AZK
#
_cell.length_a   92.529
_cell.length_b   92.529
_cell.length_c   127.183
_cell.angle_alpha   90.00
_cell.angle_beta   90.00
_cell.angle_gamma   120.00
#
_symmetry.space_group_name_H-M   'P 31 2 1'
#
loop_
_entity.id
_entity.type
_entity.pdbx_description
1 polymer 'Geranylgeranyl pyrophosphate synthetase'
2 water water
#
_entity_poly.entity_id   1
_entity_poly.type   'polypeptide(L)'
_entity_poly.pdbx_seq_one_letter_code
;MAHHHHHHMSIIEFWLEAKATIDRLIEQFLNSNRDWDLVDISSYILKDGKRFRGTLNMFFTVALGGDIKDSYGGALAIEI
LHSASLALDDIVDLDATRRGDKAAWVVYGNRKVIFITNYLIPTALRIIQTSYGDDALNTSIELEKDTSVGALRDMYDNSD
YIRTIELKTGSLFKLSTVLSAYASKHYNTKQQMLDVGKYLGIIYQVIDDFVDYKTKKVEEIDGSAKQLFKYYREGKLEEY
VRSVYLEYKQKYDELISNIPFQSKYLSEIRSLPEFLANGLLKEANIDKI
;
_entity_poly.pdbx_strand_id   A,B
#
# COMPACT_ATOMS: atom_id res chain seq x y z
N MET A 9 17.60 -6.96 31.79
CA MET A 9 18.52 -8.10 31.53
C MET A 9 19.28 -7.94 30.21
N SER A 10 19.54 -9.06 29.53
CA SER A 10 20.27 -9.09 28.26
C SER A 10 19.39 -8.55 27.15
N ILE A 11 18.09 -8.60 27.39
CA ILE A 11 17.08 -8.14 26.46
C ILE A 11 17.34 -6.69 26.02
N ILE A 12 17.49 -5.80 27.00
CA ILE A 12 17.74 -4.41 26.68
C ILE A 12 19.00 -4.30 25.86
N GLU A 13 20.05 -5.01 26.30
CA GLU A 13 21.33 -4.99 25.62
C GLU A 13 21.17 -5.39 24.16
N PHE A 14 20.47 -6.51 23.96
CA PHE A 14 20.21 -7.02 22.62
C PHE A 14 19.54 -5.94 21.77
N TRP A 15 18.58 -5.26 22.39
CA TRP A 15 17.83 -4.21 21.73
C TRP A 15 18.74 -3.09 21.26
N LEU A 16 19.66 -2.66 22.13
CA LEU A 16 20.59 -1.58 21.78
C LEU A 16 21.38 -1.92 20.51
N GLU A 17 21.80 -3.18 20.42
CA GLU A 17 22.56 -3.67 19.28
C GLU A 17 21.63 -3.83 18.07
N ALA A 18 20.53 -4.53 18.29
CA ALA A 18 19.53 -4.77 17.24
C ALA A 18 19.15 -3.45 16.59
N LYS A 19 18.81 -2.48 17.44
CA LYS A 19 18.42 -1.14 16.99
C LYS A 19 19.54 -0.55 16.12
N ALA A 20 20.75 -0.61 16.66
CA ALA A 20 21.95 -0.12 16.01
C ALA A 20 22.21 -0.83 14.68
N THR A 21 21.99 -2.13 14.67
CA THR A 21 22.18 -2.95 13.48
C THR A 21 21.12 -2.56 12.46
N ILE A 22 19.90 -2.36 12.95
CA ILE A 22 18.76 -1.99 12.11
C ILE A 22 18.97 -0.68 11.36
N ASP A 23 19.59 0.29 12.03
CA ASP A 23 19.85 1.59 11.42
C ASP A 23 20.85 1.39 10.29
N ARG A 24 21.80 0.48 10.50
CA ARG A 24 22.80 0.20 9.49
C ARG A 24 22.07 -0.29 8.23
N LEU A 25 21.11 -1.18 8.44
CA LEU A 25 20.32 -1.75 7.35
C LEU A 25 19.59 -0.71 6.52
N ILE A 26 19.10 0.31 7.22
CA ILE A 26 18.38 1.41 6.58
C ILE A 26 19.30 2.19 5.64
N GLU A 27 20.58 2.23 5.96
CA GLU A 27 21.56 2.95 5.16
C GLU A 27 21.95 2.07 3.98
N GLN A 28 22.25 0.81 4.28
CA GLN A 28 22.63 -0.15 3.24
C GLN A 28 21.49 -0.30 2.23
N PHE A 29 20.31 0.22 2.58
CA PHE A 29 19.11 0.17 1.75
C PHE A 29 18.87 1.52 1.08
N LEU A 30 18.92 2.57 1.88
CA LEU A 30 18.70 3.92 1.40
C LEU A 30 19.79 4.31 0.40
N ASN A 31 21.04 4.33 0.84
CA ASN A 31 22.15 4.69 -0.03
C ASN A 31 22.12 3.81 -1.27
N SER A 32 21.68 2.56 -1.11
CA SER A 32 21.60 1.65 -2.24
C SER A 32 20.24 1.72 -2.90
N ASN A 33 19.98 2.86 -3.55
CA ASN A 33 18.71 3.07 -4.22
C ASN A 33 18.88 3.74 -5.57
N ARG A 34 18.44 3.04 -6.61
CA ARG A 34 18.52 3.58 -7.98
C ARG A 34 17.74 4.87 -8.08
N ASP A 35 16.80 5.03 -7.15
CA ASP A 35 15.94 6.22 -7.10
C ASP A 35 16.59 7.27 -6.18
N TRP A 36 17.51 8.06 -6.75
CA TRP A 36 18.22 9.10 -5.99
C TRP A 36 17.34 10.32 -5.72
N ASP A 37 16.04 10.09 -5.58
CA ASP A 37 15.10 11.17 -5.33
C ASP A 37 14.21 10.90 -4.11
N LEU A 38 13.80 9.64 -3.96
CA LEU A 38 12.95 9.22 -2.85
C LEU A 38 13.75 9.02 -1.57
N VAL A 39 15.07 9.08 -1.68
CA VAL A 39 15.98 8.89 -0.54
C VAL A 39 15.91 9.96 0.54
N ASP A 40 15.75 11.21 0.13
CA ASP A 40 15.70 12.29 1.10
C ASP A 40 14.52 12.16 2.06
N ILE A 41 13.31 12.26 1.50
CA ILE A 41 12.09 12.17 2.27
C ILE A 41 12.00 10.91 3.14
N SER A 42 12.32 9.76 2.54
CA SER A 42 12.27 8.49 3.26
C SER A 42 13.17 8.54 4.48
N SER A 43 14.42 8.95 4.25
CA SER A 43 15.38 9.04 5.33
C SER A 43 14.74 9.74 6.53
N TYR A 44 13.85 10.67 6.23
CA TYR A 44 13.17 11.44 7.27
C TYR A 44 12.16 10.59 8.05
N ILE A 45 11.20 10.01 7.34
CA ILE A 45 10.19 9.18 7.95
C ILE A 45 10.84 8.02 8.71
N LEU A 46 11.92 7.50 8.15
CA LEU A 46 12.67 6.36 8.71
C LEU A 46 13.63 6.56 9.86
N LYS A 47 13.95 7.80 10.19
CA LYS A 47 14.93 8.06 11.23
C LYS A 47 14.48 8.30 12.67
N ASP A 48 15.41 8.03 13.58
CA ASP A 48 15.23 8.21 15.02
C ASP A 48 14.36 7.18 15.75
N GLY A 49 13.76 6.23 15.04
CA GLY A 49 12.93 5.24 15.71
C GLY A 49 13.67 4.31 16.67
N LYS A 50 12.98 3.77 17.67
CA LYS A 50 13.61 2.86 18.64
C LYS A 50 13.75 1.42 18.11
N ARG A 51 13.10 1.14 16.98
CA ARG A 51 13.13 -0.16 16.32
C ARG A 51 12.78 -1.31 17.29
N PHE A 52 11.66 -1.20 17.99
CA PHE A 52 11.24 -2.22 18.96
C PHE A 52 10.70 -3.51 18.34
N ARG A 53 9.92 -3.37 17.27
CA ARG A 53 9.32 -4.53 16.57
C ARG A 53 10.38 -5.34 15.81
N GLY A 54 11.38 -4.65 15.30
CA GLY A 54 12.43 -5.29 14.57
C GLY A 54 13.30 -6.12 15.47
N THR A 55 13.59 -5.62 16.66
CA THR A 55 14.46 -6.38 17.56
C THR A 55 13.70 -7.60 18.09
N LEU A 56 12.40 -7.47 18.31
CA LEU A 56 11.61 -8.60 18.77
C LEU A 56 11.64 -9.70 17.69
N ASN A 57 11.63 -9.26 16.44
CA ASN A 57 11.69 -10.19 15.30
C ASN A 57 13.03 -10.89 15.39
N MET A 58 14.09 -10.08 15.47
CA MET A 58 15.47 -10.59 15.56
C MET A 58 15.65 -11.47 16.79
N PHE A 59 14.92 -11.14 17.83
CA PHE A 59 15.02 -11.90 19.06
C PHE A 59 14.45 -13.30 18.93
N PHE A 60 13.22 -13.38 18.46
CA PHE A 60 12.57 -14.68 18.31
C PHE A 60 13.26 -15.62 17.32
N THR A 61 13.85 -15.06 16.27
CA THR A 61 14.56 -15.82 15.27
C THR A 61 15.74 -16.51 15.95
N VAL A 62 16.41 -15.81 16.85
CA VAL A 62 17.55 -16.39 17.54
C VAL A 62 17.07 -17.40 18.56
N ALA A 63 16.04 -17.01 19.32
CA ALA A 63 15.48 -17.87 20.35
C ALA A 63 14.88 -19.14 19.77
N LEU A 64 14.69 -19.16 18.46
CA LEU A 64 14.11 -20.32 17.78
C LEU A 64 15.23 -21.23 17.22
N GLY A 65 16.44 -20.68 17.08
CA GLY A 65 17.55 -21.45 16.58
C GLY A 65 18.15 -20.90 15.30
N GLY A 66 17.58 -19.81 14.80
CA GLY A 66 18.08 -19.23 13.57
C GLY A 66 19.30 -18.35 13.75
N ASP A 67 19.75 -17.76 12.66
CA ASP A 67 20.89 -16.86 12.69
C ASP A 67 20.35 -15.46 12.48
N ILE A 68 20.77 -14.53 13.34
CA ILE A 68 20.34 -13.15 13.20
C ILE A 68 20.48 -12.76 11.74
N LYS A 69 21.48 -13.35 11.07
CA LYS A 69 21.69 -13.04 9.67
C LYS A 69 20.39 -13.18 8.90
N ASP A 70 19.57 -14.14 9.30
CA ASP A 70 18.30 -14.43 8.62
C ASP A 70 17.13 -13.50 8.97
N SER A 71 17.34 -12.59 9.91
CA SER A 71 16.33 -11.63 10.34
C SER A 71 16.50 -10.28 9.67
N TYR A 72 17.75 -9.89 9.46
CA TYR A 72 18.09 -8.61 8.83
C TYR A 72 17.08 -8.23 7.76
N GLY A 73 16.57 -9.22 7.04
CA GLY A 73 15.61 -8.95 5.97
C GLY A 73 14.20 -8.52 6.36
N GLY A 74 13.58 -9.27 7.28
CA GLY A 74 12.26 -8.94 7.72
C GLY A 74 12.33 -7.76 8.67
N ALA A 75 13.27 -7.83 9.62
CA ALA A 75 13.45 -6.78 10.59
C ALA A 75 13.46 -5.41 9.90
N LEU A 76 14.03 -5.34 8.70
CA LEU A 76 14.06 -4.08 7.97
C LEU A 76 12.70 -3.76 7.36
N ALA A 77 12.10 -4.74 6.71
CA ALA A 77 10.78 -4.55 6.08
C ALA A 77 9.75 -4.07 7.10
N ILE A 78 9.88 -4.58 8.33
CA ILE A 78 9.00 -4.23 9.44
C ILE A 78 9.08 -2.77 9.86
N GLU A 79 10.28 -2.28 10.13
CA GLU A 79 10.44 -0.90 10.56
C GLU A 79 10.09 0.04 9.42
N ILE A 80 10.20 -0.42 8.18
CA ILE A 80 9.83 0.44 7.08
C ILE A 80 8.32 0.58 7.09
N LEU A 81 7.63 -0.50 7.45
CA LEU A 81 6.18 -0.50 7.50
C LEU A 81 5.73 0.24 8.76
N HIS A 82 6.46 0.02 9.84
CA HIS A 82 6.11 0.68 11.07
C HIS A 82 6.30 2.18 10.93
N SER A 83 7.50 2.59 10.51
CA SER A 83 7.78 4.01 10.31
C SER A 83 6.74 4.65 9.40
N ALA A 84 6.42 3.97 8.30
CA ALA A 84 5.46 4.46 7.35
C ALA A 84 4.08 4.70 7.97
N SER A 85 3.67 3.78 8.83
CA SER A 85 2.35 3.90 9.49
C SER A 85 2.32 5.06 10.47
N LEU A 86 3.47 5.32 11.08
CA LEU A 86 3.63 6.42 12.03
C LEU A 86 3.46 7.78 11.36
N ALA A 87 4.08 7.98 10.20
CA ALA A 87 3.98 9.27 9.55
C ALA A 87 2.55 9.51 9.06
N LEU A 88 1.82 8.44 8.79
CA LEU A 88 0.44 8.56 8.34
C LEU A 88 -0.44 8.86 9.52
N ASP A 89 -0.11 8.24 10.64
CA ASP A 89 -0.84 8.43 11.86
C ASP A 89 -0.84 9.91 12.19
N ASP A 90 0.28 10.57 11.93
CA ASP A 90 0.35 11.99 12.23
C ASP A 90 -0.55 12.77 11.30
N ILE A 91 -0.58 12.37 10.04
CA ILE A 91 -1.42 13.08 9.13
C ILE A 91 -2.87 12.95 9.61
N VAL A 92 -3.26 11.73 9.98
CA VAL A 92 -4.64 11.50 10.42
C VAL A 92 -5.06 12.24 11.71
N ASP A 93 -4.27 12.10 12.78
CA ASP A 93 -4.56 12.75 14.04
C ASP A 93 -4.03 14.18 14.09
N LEU A 94 -3.49 14.63 12.97
CA LEU A 94 -2.96 15.97 12.89
C LEU A 94 -1.90 16.26 13.94
N ASP A 95 -0.83 15.46 13.99
CA ASP A 95 0.24 15.71 14.96
C ASP A 95 1.51 16.17 14.23
N ALA A 96 2.15 17.21 14.76
CA ALA A 96 3.37 17.73 14.16
C ALA A 96 4.46 17.68 15.23
N THR A 97 4.90 16.47 15.54
CA THR A 97 5.93 16.31 16.57
C THR A 97 6.35 14.85 16.65
N ARG A 98 6.41 14.19 15.50
CA ARG A 98 6.80 12.79 15.46
C ARG A 98 8.29 12.68 15.79
N ARG A 99 8.67 11.65 16.54
CA ARG A 99 10.07 11.44 16.92
C ARG A 99 10.66 12.67 17.58
N GLY A 100 9.89 13.31 18.45
CA GLY A 100 10.36 14.50 19.12
C GLY A 100 10.93 15.51 18.15
N ASP A 101 10.25 15.65 17.01
CA ASP A 101 10.66 16.57 15.95
C ASP A 101 9.49 16.80 14.99
N LYS A 102 9.62 17.82 14.14
CA LYS A 102 8.59 18.14 13.17
C LYS A 102 8.16 16.92 12.36
N ALA A 103 6.86 16.63 12.36
CA ALA A 103 6.33 15.47 11.63
C ALA A 103 6.61 15.62 10.14
N ALA A 104 6.69 14.48 9.45
CA ALA A 104 6.98 14.45 8.02
C ALA A 104 6.13 15.40 7.19
N TRP A 105 4.81 15.29 7.32
CA TRP A 105 3.88 16.14 6.56
C TRP A 105 4.12 17.62 6.80
N VAL A 106 4.44 17.97 8.05
CA VAL A 106 4.70 19.35 8.44
C VAL A 106 5.89 19.91 7.70
N VAL A 107 6.52 19.10 6.86
CA VAL A 107 7.67 19.53 6.10
C VAL A 107 7.47 19.34 4.59
N TYR A 108 7.21 18.11 4.16
CA TYR A 108 7.02 17.88 2.72
C TYR A 108 5.56 17.97 2.31
N GLY A 109 4.67 18.15 3.27
CA GLY A 109 3.26 18.26 2.96
C GLY A 109 2.52 16.96 3.14
N ASN A 110 1.22 16.98 2.86
CA ASN A 110 0.40 15.80 3.01
C ASN A 110 0.58 14.86 1.83
N ARG A 111 0.87 15.40 0.65
CA ARG A 111 1.05 14.55 -0.53
C ARG A 111 2.36 13.77 -0.47
N LYS A 112 3.48 14.48 -0.62
CA LYS A 112 4.77 13.80 -0.60
C LYS A 112 4.81 12.66 0.41
N VAL A 113 4.57 12.96 1.69
CA VAL A 113 4.60 11.95 2.72
C VAL A 113 3.75 10.75 2.36
N ILE A 114 2.52 10.99 1.92
CA ILE A 114 1.66 9.89 1.55
C ILE A 114 2.23 9.07 0.40
N PHE A 115 2.55 9.74 -0.70
CA PHE A 115 3.11 9.04 -1.87
C PHE A 115 4.30 8.17 -1.52
N ILE A 116 5.22 8.73 -0.74
CA ILE A 116 6.40 8.02 -0.31
C ILE A 116 5.96 6.75 0.39
N THR A 117 4.91 6.89 1.19
CA THR A 117 4.32 5.80 1.94
C THR A 117 3.80 4.73 0.99
N ASN A 118 3.08 5.16 -0.04
CA ASN A 118 2.53 4.24 -1.02
C ASN A 118 3.60 3.53 -1.83
N TYR A 119 4.86 3.88 -1.54
CA TYR A 119 6.02 3.32 -2.22
C TYR A 119 6.80 2.45 -1.27
N LEU A 120 6.94 2.94 -0.03
CA LEU A 120 7.66 2.21 0.99
C LEU A 120 7.00 0.88 1.27
N ILE A 121 5.68 0.87 1.17
CA ILE A 121 4.93 -0.35 1.42
C ILE A 121 5.33 -1.48 0.46
N PRO A 122 4.99 -1.35 -0.85
CA PRO A 122 5.31 -2.38 -1.86
C PRO A 122 6.80 -2.78 -1.84
N THR A 123 7.64 -1.83 -1.48
CA THR A 123 9.07 -2.08 -1.35
C THR A 123 9.21 -3.03 -0.19
N ALA A 124 8.61 -2.69 0.94
CA ALA A 124 8.71 -3.54 2.11
C ALA A 124 8.29 -4.96 1.74
N LEU A 125 7.20 -5.09 1.00
CA LEU A 125 6.70 -6.40 0.61
C LEU A 125 7.72 -7.21 -0.19
N ARG A 126 8.33 -6.56 -1.17
CA ARG A 126 9.34 -7.22 -2.02
C ARG A 126 10.45 -7.77 -1.11
N ILE A 127 10.97 -6.90 -0.26
CA ILE A 127 12.01 -7.23 0.68
C ILE A 127 11.70 -8.48 1.50
N ILE A 128 10.45 -8.60 1.93
CA ILE A 128 10.01 -9.74 2.71
C ILE A 128 10.03 -11.04 1.91
N GLN A 129 9.34 -11.03 0.76
CA GLN A 129 9.26 -12.24 -0.09
C GLN A 129 10.60 -12.59 -0.68
N THR A 130 11.35 -11.55 -1.03
CA THR A 130 12.68 -11.75 -1.57
C THR A 130 13.51 -12.61 -0.62
N SER A 131 13.22 -12.54 0.66
CA SER A 131 14.03 -13.29 1.58
C SER A 131 13.33 -14.34 2.40
N TYR A 132 12.07 -14.57 2.12
CA TYR A 132 11.35 -15.55 2.90
C TYR A 132 10.47 -16.44 2.04
N GLY A 133 10.02 -15.91 0.92
CA GLY A 133 9.18 -16.66 0.02
C GLY A 133 7.77 -16.10 -0.07
N ASP A 134 7.01 -16.58 -1.05
CA ASP A 134 5.63 -16.11 -1.26
C ASP A 134 4.67 -16.35 -0.10
N ASP A 135 4.83 -17.44 0.63
CA ASP A 135 3.89 -17.70 1.72
C ASP A 135 4.05 -16.53 2.68
N ALA A 136 5.31 -16.15 2.90
CA ALA A 136 5.63 -15.04 3.79
C ALA A 136 4.94 -13.78 3.28
N LEU A 137 5.07 -13.55 1.98
CA LEU A 137 4.47 -12.40 1.38
C LEU A 137 2.98 -12.36 1.64
N ASN A 138 2.26 -13.38 1.15
CA ASN A 138 0.82 -13.46 1.33
C ASN A 138 0.36 -13.22 2.76
N THR A 139 1.12 -13.73 3.72
CA THR A 139 0.76 -13.55 5.14
C THR A 139 0.90 -12.07 5.50
N SER A 140 1.92 -11.45 4.92
CA SER A 140 2.20 -10.04 5.10
C SER A 140 1.12 -9.22 4.44
N ILE A 141 0.65 -9.64 3.29
CA ILE A 141 -0.39 -8.87 2.69
C ILE A 141 -1.67 -9.00 3.49
N GLU A 142 -1.88 -10.15 4.12
CA GLU A 142 -3.07 -10.39 4.93
C GLU A 142 -3.03 -9.51 6.17
N LEU A 143 -1.87 -9.41 6.82
CA LEU A 143 -1.75 -8.57 8.00
C LEU A 143 -1.86 -7.10 7.63
N GLU A 144 -1.32 -6.75 6.47
CA GLU A 144 -1.29 -5.37 5.94
C GLU A 144 -2.71 -4.88 5.72
N LYS A 145 -3.59 -5.76 5.27
CA LYS A 145 -4.97 -5.37 5.06
C LYS A 145 -5.63 -5.19 6.43
N ASP A 146 -5.24 -6.02 7.39
CA ASP A 146 -5.81 -5.93 8.73
C ASP A 146 -5.48 -4.57 9.32
N THR A 147 -4.25 -4.13 9.11
CA THR A 147 -3.83 -2.86 9.62
C THR A 147 -4.67 -1.77 8.97
N SER A 148 -4.91 -1.87 7.67
CA SER A 148 -5.70 -0.88 6.96
C SER A 148 -7.12 -0.77 7.49
N VAL A 149 -7.64 -1.89 7.96
CA VAL A 149 -8.99 -1.94 8.53
C VAL A 149 -8.91 -1.29 9.90
N GLY A 150 -7.99 -1.80 10.71
CA GLY A 150 -7.77 -1.29 12.05
C GLY A 150 -7.66 0.21 12.10
N ALA A 151 -6.94 0.78 11.15
CA ALA A 151 -6.75 2.20 11.10
C ALA A 151 -8.08 2.92 10.96
N LEU A 152 -8.97 2.40 10.10
CA LEU A 152 -10.28 3.01 9.90
C LEU A 152 -11.08 2.96 11.21
N ARG A 153 -11.08 1.79 11.87
CA ARG A 153 -11.81 1.64 13.11
C ARG A 153 -11.21 2.50 14.19
N ASP A 154 -9.90 2.57 14.21
CA ASP A 154 -9.21 3.35 15.21
C ASP A 154 -9.65 4.82 15.15
N MET A 155 -10.16 5.24 14.00
CA MET A 155 -10.55 6.62 13.81
C MET A 155 -12.03 6.88 13.93
N TYR A 156 -12.82 6.01 13.33
CA TYR A 156 -14.25 6.21 13.35
C TYR A 156 -15.08 5.16 14.06
N ASP A 157 -15.00 3.92 13.60
CA ASP A 157 -15.78 2.85 14.22
C ASP A 157 -15.21 2.43 15.57
N ASN A 158 -15.00 3.40 16.46
CA ASN A 158 -14.47 3.11 17.78
C ASN A 158 -15.48 2.26 18.56
N SER A 159 -15.33 0.94 18.48
CA SER A 159 -16.19 0.00 19.20
C SER A 159 -15.47 -1.35 19.19
N ASP A 160 -15.62 -2.10 20.27
CA ASP A 160 -14.93 -3.37 20.36
C ASP A 160 -13.44 -2.99 20.39
N TYR A 161 -13.04 -2.37 21.49
CA TYR A 161 -11.69 -1.87 21.74
C TYR A 161 -10.58 -2.86 21.44
N ILE A 162 -10.71 -4.06 22.01
CA ILE A 162 -9.71 -5.12 21.84
C ILE A 162 -9.52 -5.51 20.38
N ARG A 163 -10.62 -5.82 19.70
CA ARG A 163 -10.53 -6.22 18.31
C ARG A 163 -9.92 -5.13 17.46
N THR A 164 -10.18 -3.88 17.85
CA THR A 164 -9.66 -2.74 17.11
C THR A 164 -8.16 -2.55 17.28
N ILE A 165 -7.69 -2.51 18.53
CA ILE A 165 -6.27 -2.31 18.76
C ILE A 165 -5.48 -3.53 18.30
N GLU A 166 -6.13 -4.70 18.26
CA GLU A 166 -5.44 -5.88 17.74
C GLU A 166 -5.17 -5.59 16.25
N LEU A 167 -6.19 -5.10 15.56
CA LEU A 167 -6.09 -4.82 14.15
C LEU A 167 -5.14 -3.70 13.74
N LYS A 168 -5.16 -2.59 14.47
CA LYS A 168 -4.32 -1.46 14.11
C LYS A 168 -2.89 -1.65 14.59
N THR A 169 -2.74 -1.93 15.87
CA THR A 169 -1.41 -2.12 16.43
C THR A 169 -0.92 -3.55 16.51
N GLY A 170 -1.74 -4.48 16.97
CA GLY A 170 -1.30 -5.86 17.09
C GLY A 170 -0.83 -6.52 15.79
N SER A 171 -1.44 -6.16 14.66
CA SER A 171 -1.08 -6.75 13.39
C SER A 171 0.39 -6.72 13.06
N LEU A 172 1.03 -5.55 13.12
CA LEU A 172 2.43 -5.50 12.76
C LEU A 172 3.27 -6.21 13.79
N PHE A 173 2.70 -6.56 14.92
CA PHE A 173 3.49 -7.30 15.91
C PHE A 173 3.54 -8.73 15.42
N LYS A 174 2.36 -9.22 15.03
CA LYS A 174 2.19 -10.58 14.51
C LYS A 174 3.12 -10.78 13.32
N LEU A 175 3.25 -9.73 12.50
CA LEU A 175 4.14 -9.79 11.37
C LEU A 175 5.52 -10.01 11.92
N SER A 176 5.88 -9.19 12.89
CA SER A 176 7.19 -9.26 13.51
C SER A 176 7.52 -10.63 14.08
N THR A 177 6.57 -11.24 14.78
CA THR A 177 6.81 -12.55 15.37
C THR A 177 6.73 -13.67 14.36
N VAL A 178 5.68 -13.65 13.54
CA VAL A 178 5.50 -14.72 12.57
C VAL A 178 6.73 -14.84 11.65
N LEU A 179 7.28 -13.71 11.22
CA LEU A 179 8.45 -13.72 10.37
C LEU A 179 9.62 -14.42 11.00
N SER A 180 9.67 -14.40 12.32
CA SER A 180 10.78 -15.05 12.96
C SER A 180 10.62 -16.53 12.71
N ALA A 181 9.38 -16.98 12.57
CA ALA A 181 9.15 -18.43 12.31
C ALA A 181 9.72 -18.88 10.94
N TYR A 182 9.55 -18.05 9.90
CA TYR A 182 10.13 -18.36 8.60
C TYR A 182 11.65 -18.20 8.77
N ALA A 183 12.06 -17.03 9.21
CA ALA A 183 13.46 -16.73 9.39
C ALA A 183 14.23 -17.80 10.17
N SER A 184 13.63 -18.37 11.20
CA SER A 184 14.31 -19.39 12.00
C SER A 184 14.22 -20.82 11.43
N LYS A 185 13.56 -20.94 10.28
CA LYS A 185 13.32 -22.21 9.61
C LYS A 185 12.46 -23.08 10.50
N HIS A 186 11.46 -22.49 11.14
CA HIS A 186 10.57 -23.26 12.00
C HIS A 186 9.11 -22.97 11.68
N TYR A 187 8.80 -22.85 10.38
CA TYR A 187 7.47 -22.54 9.88
C TYR A 187 6.40 -23.33 10.58
N ASN A 188 6.78 -24.40 11.28
CA ASN A 188 5.79 -25.16 12.00
C ASN A 188 5.18 -24.32 13.11
N THR A 189 5.94 -23.40 13.71
CA THR A 189 5.35 -22.58 14.79
C THR A 189 4.55 -21.37 14.31
N LYS A 190 4.33 -21.26 13.00
CA LYS A 190 3.58 -20.16 12.39
C LYS A 190 2.38 -19.63 13.18
N GLN A 191 1.31 -20.41 13.17
CA GLN A 191 0.09 -20.04 13.85
C GLN A 191 0.36 -19.63 15.26
N GLN A 192 1.33 -20.29 15.87
CA GLN A 192 1.68 -19.99 17.25
C GLN A 192 2.30 -18.62 17.40
N MET A 193 3.25 -18.32 16.53
CA MET A 193 3.93 -17.04 16.57
C MET A 193 3.04 -15.89 16.13
N LEU A 194 1.96 -16.21 15.42
CA LEU A 194 1.04 -15.15 15.02
C LEU A 194 0.40 -14.68 16.32
N ASP A 195 0.10 -15.63 17.20
CA ASP A 195 -0.52 -15.27 18.47
C ASP A 195 0.42 -14.53 19.41
N VAL A 196 1.69 -14.92 19.46
CA VAL A 196 2.60 -14.23 20.36
C VAL A 196 2.50 -12.75 20.06
N GLY A 197 2.58 -12.42 18.77
CA GLY A 197 2.48 -11.05 18.35
C GLY A 197 1.16 -10.40 18.75
N LYS A 198 0.08 -11.18 18.70
CA LYS A 198 -1.24 -10.70 19.06
C LYS A 198 -1.24 -10.26 20.51
N TYR A 199 -0.81 -11.18 21.38
CA TYR A 199 -0.76 -10.85 22.79
C TYR A 199 0.24 -9.72 23.03
N LEU A 200 1.45 -9.79 22.47
CA LEU A 200 2.36 -8.69 22.71
C LEU A 200 1.82 -7.37 22.19
N GLY A 201 1.23 -7.38 20.99
CA GLY A 201 0.67 -6.17 20.41
C GLY A 201 -0.42 -5.54 21.26
N ILE A 202 -1.41 -6.35 21.62
CA ILE A 202 -2.50 -5.90 22.46
C ILE A 202 -1.93 -5.27 23.75
N ILE A 203 -1.14 -6.06 24.48
CA ILE A 203 -0.50 -5.60 25.69
C ILE A 203 0.19 -4.28 25.42
N TYR A 204 0.87 -4.16 24.29
CA TYR A 204 1.55 -2.92 24.03
C TYR A 204 0.60 -1.74 23.91
N GLN A 205 -0.45 -1.87 23.10
CA GLN A 205 -1.41 -0.78 22.86
C GLN A 205 -2.31 -0.43 24.03
N VAL A 206 -2.56 -1.38 24.93
CA VAL A 206 -3.42 -1.06 26.06
C VAL A 206 -2.67 -0.21 27.07
N ILE A 207 -1.37 -0.42 27.18
CA ILE A 207 -0.57 0.36 28.10
C ILE A 207 -0.29 1.74 27.51
N ASP A 208 -0.06 1.76 26.20
CA ASP A 208 0.24 3.00 25.51
C ASP A 208 -0.94 3.95 25.65
N ASP A 209 -2.15 3.41 25.66
CA ASP A 209 -3.30 4.25 25.80
C ASP A 209 -3.37 4.71 27.26
N PHE A 210 -3.07 3.80 28.18
CA PHE A 210 -3.10 4.14 29.61
C PHE A 210 -2.16 5.33 29.89
N VAL A 211 -0.99 5.34 29.25
CA VAL A 211 -0.03 6.43 29.42
C VAL A 211 -0.54 7.73 28.77
N ASP A 212 -1.49 7.61 27.86
CA ASP A 212 -2.05 8.78 27.22
C ASP A 212 -2.89 9.54 28.26
N TYR A 213 -3.74 8.82 29.00
CA TYR A 213 -4.60 9.40 30.04
C TYR A 213 -3.80 10.01 31.20
N LYS A 214 -2.60 9.49 31.42
CA LYS A 214 -1.79 9.97 32.52
C LYS A 214 -0.73 10.99 32.15
N THR A 215 -0.50 11.21 30.86
CA THR A 215 0.49 12.20 30.50
C THR A 215 -0.03 13.12 29.44
N LYS A 216 -1.29 12.98 29.09
CA LYS A 216 -1.88 13.84 28.07
C LYS A 216 -3.24 14.34 28.58
N LYS A 217 -3.77 15.38 27.96
CA LYS A 217 -5.06 15.88 28.39
C LYS A 217 -6.13 15.00 27.77
N VAL A 218 -7.23 14.81 28.49
CA VAL A 218 -8.32 13.98 28.01
C VAL A 218 -8.90 14.49 26.71
N GLU A 219 -8.98 15.81 26.59
CA GLU A 219 -9.48 16.44 25.40
C GLU A 219 -8.49 16.21 24.25
N GLU A 220 -7.28 15.79 24.59
CA GLU A 220 -6.22 15.53 23.59
C GLU A 220 -5.96 14.03 23.35
N ILE A 221 -6.94 13.18 23.66
CA ILE A 221 -6.80 11.75 23.46
C ILE A 221 -7.59 11.33 22.21
N ASP A 222 -6.84 11.01 21.15
CA ASP A 222 -7.45 10.57 19.90
C ASP A 222 -7.24 9.06 19.76
N GLY A 223 -7.91 8.48 18.79
CA GLY A 223 -7.75 7.05 18.58
C GLY A 223 -8.72 6.23 19.39
N SER A 224 -8.51 4.92 19.36
CA SER A 224 -9.37 3.99 20.10
C SER A 224 -9.18 4.16 21.60
N ALA A 225 -8.23 4.99 22.01
CA ALA A 225 -8.03 5.18 23.42
C ALA A 225 -9.32 5.76 24.02
N LYS A 226 -10.07 6.52 23.21
CA LYS A 226 -11.32 7.14 23.63
C LYS A 226 -12.32 6.20 24.27
N GLN A 227 -12.37 4.99 23.74
CA GLN A 227 -13.28 3.96 24.22
C GLN A 227 -13.01 3.59 25.68
N LEU A 228 -11.85 4.00 26.16
CA LEU A 228 -11.44 3.72 27.54
C LEU A 228 -11.94 4.81 28.49
N PHE A 229 -12.38 5.93 27.92
CA PHE A 229 -12.86 7.01 28.74
C PHE A 229 -13.93 6.55 29.74
N LYS A 230 -14.69 5.53 29.38
CA LYS A 230 -15.74 5.03 30.23
C LYS A 230 -15.23 4.41 31.53
N TYR A 231 -13.94 4.12 31.54
CA TYR A 231 -13.28 3.56 32.71
C TYR A 231 -12.60 4.71 33.42
N TYR A 232 -11.91 5.54 32.66
CA TYR A 232 -11.20 6.63 33.27
C TYR A 232 -12.09 7.63 33.99
N ARG A 233 -13.20 8.02 33.38
CA ARG A 233 -14.07 8.99 34.05
C ARG A 233 -14.54 8.54 35.43
N GLU A 234 -14.63 7.21 35.60
CA GLU A 234 -15.06 6.59 36.84
C GLU A 234 -13.91 6.19 37.75
N GLY A 235 -12.70 6.60 37.39
CA GLY A 235 -11.54 6.23 38.19
C GLY A 235 -11.22 4.75 38.22
N LYS A 236 -11.70 3.98 37.24
CA LYS A 236 -11.45 2.54 37.19
C LYS A 236 -10.57 2.11 36.01
N LEU A 237 -9.90 3.09 35.40
CA LEU A 237 -9.02 2.82 34.28
C LEU A 237 -7.91 1.84 34.65
N GLU A 238 -6.98 2.25 35.52
CA GLU A 238 -5.89 1.37 35.92
C GLU A 238 -6.45 -0.01 36.19
N GLU A 239 -7.62 -0.08 36.80
CA GLU A 239 -8.19 -1.38 37.09
C GLU A 239 -8.44 -2.13 35.79
N TYR A 240 -9.18 -1.52 34.85
CA TYR A 240 -9.43 -2.18 33.58
C TYR A 240 -8.15 -2.55 32.86
N VAL A 241 -7.25 -1.59 32.71
CA VAL A 241 -5.99 -1.85 32.03
C VAL A 241 -5.26 -3.04 32.65
N ARG A 242 -5.04 -2.97 33.97
CA ARG A 242 -4.37 -4.03 34.70
C ARG A 242 -5.01 -5.37 34.36
N SER A 243 -6.33 -5.44 34.37
CA SER A 243 -6.97 -6.71 34.09
C SER A 243 -6.59 -7.19 32.70
N VAL A 244 -6.75 -6.32 31.72
CA VAL A 244 -6.41 -6.68 30.36
C VAL A 244 -5.01 -7.27 30.33
N TYR A 245 -4.03 -6.47 30.76
CA TYR A 245 -2.64 -6.89 30.80
C TYR A 245 -2.48 -8.27 31.38
N LEU A 246 -3.24 -8.59 32.42
CA LEU A 246 -3.08 -9.90 33.02
C LEU A 246 -3.65 -10.97 32.12
N GLU A 247 -4.81 -10.69 31.54
CA GLU A 247 -5.49 -11.63 30.65
C GLU A 247 -4.56 -12.14 29.55
N TYR A 248 -3.98 -11.18 28.84
CA TYR A 248 -3.10 -11.44 27.76
C TYR A 248 -1.68 -11.74 28.19
N LYS A 249 -1.44 -11.69 29.49
CA LYS A 249 -0.09 -11.99 29.94
C LYS A 249 -0.14 -13.49 30.21
N GLN A 250 -1.27 -13.96 30.71
CA GLN A 250 -1.43 -15.38 30.99
C GLN A 250 -1.49 -16.17 29.67
N LYS A 251 -2.24 -15.66 28.70
CA LYS A 251 -2.35 -16.33 27.42
C LYS A 251 -0.95 -16.43 26.85
N TYR A 252 -0.18 -15.38 27.10
CA TYR A 252 1.18 -15.34 26.63
C TYR A 252 2.08 -16.32 27.37
N ASP A 253 2.07 -16.28 28.70
CA ASP A 253 2.91 -17.17 29.51
C ASP A 253 2.59 -18.63 29.21
N GLU A 254 1.37 -18.88 28.75
CA GLU A 254 0.97 -20.23 28.42
C GLU A 254 1.48 -20.62 27.03
N LEU A 255 1.07 -19.85 26.03
CA LEU A 255 1.49 -20.09 24.65
C LEU A 255 2.98 -20.45 24.55
N ILE A 256 3.82 -19.76 25.31
CA ILE A 256 5.26 -20.00 25.25
C ILE A 256 5.72 -21.38 25.72
N SER A 257 4.83 -22.09 26.41
CA SER A 257 5.16 -23.41 26.93
C SER A 257 5.03 -24.47 25.83
N ASN A 258 4.17 -24.18 24.86
CA ASN A 258 3.91 -25.08 23.74
C ASN A 258 4.73 -24.65 22.56
N ILE A 259 5.67 -23.75 22.79
CA ILE A 259 6.51 -23.28 21.71
C ILE A 259 7.97 -23.61 21.96
N PRO A 260 8.56 -24.42 21.08
CA PRO A 260 9.95 -24.86 21.16
C PRO A 260 11.00 -23.76 21.11
N PHE A 261 11.11 -23.01 22.20
CA PHE A 261 12.12 -21.97 22.26
C PHE A 261 13.34 -22.60 22.92
N GLN A 262 14.52 -22.10 22.57
CA GLN A 262 15.74 -22.62 23.16
C GLN A 262 15.76 -22.26 24.65
N SER A 263 16.08 -23.23 25.49
CA SER A 263 16.10 -23.03 26.94
C SER A 263 16.85 -21.76 27.40
N LYS A 264 17.92 -21.42 26.66
CA LYS A 264 18.76 -20.25 26.93
C LYS A 264 18.01 -18.94 27.05
N TYR A 265 16.98 -18.77 26.23
CA TYR A 265 16.22 -17.53 26.23
C TYR A 265 14.83 -17.72 26.83
N LEU A 266 14.56 -18.90 27.36
CA LEU A 266 13.26 -19.16 27.95
C LEU A 266 12.92 -18.12 29.01
N SER A 267 13.81 -17.95 29.98
CA SER A 267 13.60 -17.01 31.08
C SER A 267 13.82 -15.56 30.72
N GLU A 268 13.84 -15.28 29.43
CA GLU A 268 14.04 -13.92 28.94
C GLU A 268 12.81 -13.54 28.09
N ILE A 269 12.14 -14.57 27.57
CA ILE A 269 10.95 -14.40 26.75
C ILE A 269 9.72 -14.22 27.65
N ARG A 270 9.78 -14.79 28.84
CA ARG A 270 8.67 -14.67 29.80
C ARG A 270 8.47 -13.23 30.24
N SER A 271 9.57 -12.48 30.26
CA SER A 271 9.50 -11.10 30.68
C SER A 271 9.33 -10.12 29.53
N LEU A 272 9.28 -10.64 28.30
CA LEU A 272 9.13 -9.77 27.13
C LEU A 272 7.97 -8.79 27.28
N PRO A 273 6.81 -9.25 27.80
CA PRO A 273 5.74 -8.25 27.92
C PRO A 273 6.05 -7.34 29.09
N GLU A 274 6.49 -7.96 30.17
CA GLU A 274 6.84 -7.24 31.37
C GLU A 274 7.84 -6.13 30.99
N PHE A 275 8.79 -6.43 30.11
CA PHE A 275 9.77 -5.46 29.63
C PHE A 275 9.05 -4.39 28.81
N LEU A 276 8.39 -4.86 27.75
CA LEU A 276 7.64 -4.04 26.81
C LEU A 276 6.66 -3.06 27.43
N ALA A 277 5.98 -3.51 28.48
CA ALA A 277 5.02 -2.68 29.19
C ALA A 277 5.72 -1.51 29.86
N ASN A 278 6.64 -1.81 30.77
CA ASN A 278 7.37 -0.74 31.45
C ASN A 278 8.06 0.23 30.50
N GLY A 279 8.65 -0.30 29.43
CA GLY A 279 9.31 0.57 28.47
C GLY A 279 8.49 1.79 28.13
N LEU A 280 7.17 1.68 28.20
CA LEU A 280 6.27 2.78 27.88
C LEU A 280 6.02 3.66 29.10
N LEU A 281 5.79 3.00 30.24
CA LEU A 281 5.50 3.66 31.51
C LEU A 281 6.61 4.58 32.01
N LYS A 282 7.81 4.43 31.46
CA LYS A 282 8.96 5.24 31.85
C LYS A 282 8.74 6.72 31.58
N GLU A 283 7.91 7.01 30.57
CA GLU A 283 7.60 8.38 30.21
C GLU A 283 6.79 9.04 31.32
N ALA A 284 6.89 8.48 32.52
CA ALA A 284 6.17 9.00 33.69
C ALA A 284 7.00 8.84 34.96
N MET B 9 -17.78 -9.64 -30.02
CA MET B 9 -17.52 -9.44 -31.47
C MET B 9 -16.84 -8.09 -31.72
N SER B 10 -17.50 -7.22 -32.46
CA SER B 10 -16.95 -5.89 -32.77
C SER B 10 -16.50 -5.16 -31.50
N ILE B 11 -15.31 -4.57 -31.56
CA ILE B 11 -14.75 -3.84 -30.42
C ILE B 11 -15.79 -2.96 -29.72
N ILE B 12 -16.33 -2.01 -30.47
CA ILE B 12 -17.33 -1.09 -29.95
C ILE B 12 -18.43 -1.83 -29.20
N GLU B 13 -18.77 -3.02 -29.67
CA GLU B 13 -19.82 -3.84 -29.04
C GLU B 13 -19.39 -4.44 -27.71
N PHE B 14 -18.24 -5.10 -27.72
CA PHE B 14 -17.70 -5.75 -26.52
C PHE B 14 -17.61 -4.82 -25.31
N TRP B 15 -17.08 -3.62 -25.53
CA TRP B 15 -16.92 -2.67 -24.45
C TRP B 15 -18.21 -2.44 -23.68
N LEU B 16 -19.31 -2.31 -24.42
CA LEU B 16 -20.62 -2.08 -23.82
C LEU B 16 -21.24 -3.29 -23.13
N GLU B 17 -20.50 -4.41 -23.14
CA GLU B 17 -20.97 -5.64 -22.50
C GLU B 17 -20.03 -6.02 -21.37
N ALA B 18 -18.77 -5.63 -21.50
CA ALA B 18 -17.78 -5.90 -20.48
C ALA B 18 -17.92 -4.83 -19.41
N LYS B 19 -18.18 -3.61 -19.86
CA LYS B 19 -18.37 -2.47 -18.96
C LYS B 19 -19.57 -2.68 -18.07
N ALA B 20 -20.71 -3.04 -18.66
CA ALA B 20 -21.91 -3.27 -17.87
C ALA B 20 -21.66 -4.39 -16.88
N THR B 21 -20.89 -5.39 -17.31
CA THR B 21 -20.57 -6.52 -16.45
C THR B 21 -19.62 -6.08 -15.35
N ILE B 22 -18.68 -5.22 -15.68
CA ILE B 22 -17.75 -4.73 -14.68
C ILE B 22 -18.53 -3.95 -13.64
N ASP B 23 -19.60 -3.28 -14.08
CA ASP B 23 -20.43 -2.50 -13.19
C ASP B 23 -21.19 -3.42 -12.22
N ARG B 24 -21.62 -4.59 -12.68
CA ARG B 24 -22.31 -5.53 -11.80
C ARG B 24 -21.30 -6.12 -10.85
N LEU B 25 -20.09 -6.32 -11.35
CA LEU B 25 -19.00 -6.87 -10.54
C LEU B 25 -18.70 -5.92 -9.39
N ILE B 26 -18.65 -4.63 -9.69
CA ILE B 26 -18.38 -3.62 -8.69
C ILE B 26 -19.54 -3.53 -7.72
N GLU B 27 -20.75 -3.71 -8.26
CA GLU B 27 -21.99 -3.66 -7.50
C GLU B 27 -22.07 -4.76 -6.45
N GLN B 28 -21.65 -5.97 -6.82
CA GLN B 28 -21.69 -7.09 -5.88
C GLN B 28 -20.51 -6.99 -4.91
N PHE B 29 -19.45 -6.32 -5.37
CA PHE B 29 -18.24 -6.10 -4.56
C PHE B 29 -18.53 -5.07 -3.46
N LEU B 30 -18.95 -3.88 -3.88
CA LEU B 30 -19.27 -2.80 -2.97
C LEU B 30 -20.29 -3.22 -1.91
N ASN B 31 -21.19 -4.12 -2.30
CA ASN B 31 -22.18 -4.59 -1.36
C ASN B 31 -21.49 -5.33 -0.22
N SER B 32 -20.46 -6.10 -0.58
CA SER B 32 -19.68 -6.87 0.38
C SER B 32 -18.68 -5.97 1.12
N ASN B 33 -18.86 -4.65 1.03
CA ASN B 33 -17.97 -3.71 1.73
C ASN B 33 -18.73 -2.49 2.26
N ARG B 34 -19.92 -2.73 2.79
CA ARG B 34 -20.75 -1.66 3.35
C ARG B 34 -20.00 -1.05 4.52
N ASP B 35 -19.25 -1.90 5.24
CA ASP B 35 -18.45 -1.43 6.35
C ASP B 35 -17.62 -0.22 5.96
N TRP B 36 -17.16 -0.18 4.71
CA TRP B 36 -16.35 0.96 4.32
C TRP B 36 -17.13 2.17 3.84
N ASP B 37 -18.45 2.11 3.93
CA ASP B 37 -19.24 3.27 3.51
C ASP B 37 -18.98 4.48 4.44
N LEU B 38 -18.26 4.24 5.52
CA LEU B 38 -17.91 5.29 6.47
C LEU B 38 -17.08 6.36 5.77
N VAL B 39 -16.22 5.90 4.88
CA VAL B 39 -15.36 6.80 4.13
C VAL B 39 -15.86 6.90 2.67
N ASP B 40 -17.16 6.62 2.50
CA ASP B 40 -17.82 6.68 1.20
C ASP B 40 -17.00 5.97 0.16
N ILE B 41 -16.71 4.70 0.41
CA ILE B 41 -15.91 3.91 -0.51
C ILE B 41 -16.45 3.96 -1.94
N SER B 42 -17.73 3.63 -2.11
CA SER B 42 -18.34 3.64 -3.44
C SER B 42 -18.19 4.97 -4.16
N SER B 43 -17.84 6.01 -3.41
CA SER B 43 -17.63 7.33 -3.97
C SER B 43 -16.35 7.37 -4.79
N TYR B 44 -15.31 6.69 -4.30
CA TYR B 44 -14.00 6.66 -4.97
C TYR B 44 -13.89 5.59 -6.06
N ILE B 45 -14.70 4.53 -5.93
CA ILE B 45 -14.71 3.42 -6.88
C ILE B 45 -15.60 3.72 -8.08
N LEU B 46 -16.81 4.18 -7.79
CA LEU B 46 -17.79 4.52 -8.81
C LEU B 46 -17.42 5.82 -9.52
N LYS B 47 -16.26 6.39 -9.17
CA LYS B 47 -15.79 7.64 -9.77
C LYS B 47 -15.80 7.55 -11.29
N ASP B 48 -14.70 7.08 -11.86
CA ASP B 48 -14.55 6.92 -13.31
C ASP B 48 -15.29 5.65 -13.73
N GLY B 49 -16.52 5.81 -14.21
CA GLY B 49 -17.29 4.66 -14.63
C GLY B 49 -17.04 4.14 -16.04
N LYS B 50 -16.04 4.69 -16.73
CA LYS B 50 -15.72 4.26 -18.10
C LYS B 50 -15.08 2.87 -18.14
N ARG B 51 -14.41 2.50 -17.05
CA ARG B 51 -13.76 1.20 -16.92
C ARG B 51 -12.95 0.82 -18.16
N PHE B 52 -12.20 1.77 -18.71
CA PHE B 52 -11.42 1.44 -19.89
C PHE B 52 -10.38 0.38 -19.57
N ARG B 53 -9.48 0.67 -18.64
CA ARG B 53 -8.44 -0.28 -18.25
C ARG B 53 -8.95 -1.71 -17.99
N GLY B 54 -10.14 -1.83 -17.41
CA GLY B 54 -10.68 -3.13 -17.13
C GLY B 54 -11.26 -3.80 -18.36
N THR B 55 -11.67 -2.97 -19.33
CA THR B 55 -12.24 -3.52 -20.56
C THR B 55 -11.13 -4.21 -21.35
N LEU B 56 -9.97 -3.57 -21.48
CA LEU B 56 -8.84 -4.17 -22.20
C LEU B 56 -8.55 -5.55 -21.65
N ASN B 57 -8.31 -5.62 -20.33
CA ASN B 57 -8.02 -6.88 -19.70
C ASN B 57 -9.05 -7.93 -20.07
N MET B 58 -10.33 -7.60 -19.92
CA MET B 58 -11.40 -8.54 -20.25
C MET B 58 -11.36 -8.91 -21.72
N PHE B 59 -10.85 -7.99 -22.53
CA PHE B 59 -10.78 -8.19 -23.97
C PHE B 59 -9.74 -9.23 -24.37
N PHE B 60 -8.48 -8.86 -24.22
CA PHE B 60 -7.39 -9.75 -24.58
C PHE B 60 -7.59 -11.17 -24.06
N THR B 61 -8.35 -11.32 -22.97
CA THR B 61 -8.59 -12.65 -22.39
C THR B 61 -9.12 -13.62 -23.43
N VAL B 62 -10.25 -13.27 -24.05
CA VAL B 62 -10.84 -14.12 -25.08
C VAL B 62 -10.00 -14.08 -26.36
N ALA B 63 -9.40 -12.92 -26.61
CA ALA B 63 -8.54 -12.68 -27.77
C ALA B 63 -7.42 -13.71 -27.84
N LEU B 64 -7.04 -14.22 -26.67
CA LEU B 64 -5.98 -15.22 -26.58
C LEU B 64 -6.59 -16.60 -26.43
N GLY B 65 -7.91 -16.67 -26.33
CA GLY B 65 -8.57 -17.95 -26.18
C GLY B 65 -8.99 -18.22 -24.76
N GLY B 66 -8.70 -17.30 -23.85
CA GLY B 66 -9.09 -17.49 -22.46
C GLY B 66 -10.59 -17.27 -22.31
N ASP B 67 -11.18 -17.82 -21.25
CA ASP B 67 -12.62 -17.66 -20.99
C ASP B 67 -12.85 -16.23 -20.50
N ILE B 68 -14.02 -15.67 -20.77
CA ILE B 68 -14.37 -14.31 -20.38
C ILE B 68 -14.49 -14.20 -18.86
N LYS B 69 -14.95 -15.28 -18.24
CA LYS B 69 -15.12 -15.33 -16.79
C LYS B 69 -13.78 -15.43 -16.06
N ASP B 70 -12.79 -16.06 -16.69
CA ASP B 70 -11.47 -16.20 -16.07
C ASP B 70 -10.75 -14.86 -15.99
N SER B 71 -11.41 -13.79 -16.44
CA SER B 71 -10.81 -12.47 -16.39
C SER B 71 -11.51 -11.62 -15.35
N TYR B 72 -12.77 -11.94 -15.08
CA TYR B 72 -13.58 -11.22 -14.12
C TYR B 72 -12.76 -10.67 -12.96
N GLY B 73 -12.20 -11.59 -12.16
CA GLY B 73 -11.40 -11.18 -11.02
C GLY B 73 -10.34 -10.15 -11.37
N GLY B 74 -9.63 -10.37 -12.47
CA GLY B 74 -8.59 -9.45 -12.88
C GLY B 74 -9.09 -8.07 -13.24
N ALA B 75 -10.26 -8.02 -13.87
CA ALA B 75 -10.88 -6.77 -14.27
C ALA B 75 -11.08 -5.91 -13.03
N LEU B 76 -11.82 -6.48 -12.07
CA LEU B 76 -12.11 -5.80 -10.82
C LEU B 76 -10.85 -5.22 -10.19
N ALA B 77 -9.82 -6.06 -10.03
CA ALA B 77 -8.57 -5.64 -9.43
C ALA B 77 -8.04 -4.39 -10.08
N ILE B 78 -8.11 -4.36 -11.40
CA ILE B 78 -7.60 -3.23 -12.12
C ILE B 78 -8.38 -1.97 -11.78
N GLU B 79 -9.69 -2.01 -11.98
CA GLU B 79 -10.47 -0.83 -11.70
C GLU B 79 -10.25 -0.37 -10.26
N ILE B 80 -10.37 -1.26 -9.29
CA ILE B 80 -10.12 -0.91 -7.90
C ILE B 80 -8.76 -0.25 -7.77
N LEU B 81 -7.77 -0.80 -8.44
CA LEU B 81 -6.42 -0.27 -8.37
C LEU B 81 -6.40 1.13 -8.99
N HIS B 82 -7.24 1.34 -10.00
CA HIS B 82 -7.30 2.63 -10.67
C HIS B 82 -7.91 3.69 -9.77
N SER B 83 -9.06 3.34 -9.19
CA SER B 83 -9.79 4.20 -8.27
C SER B 83 -8.84 4.61 -7.16
N ALA B 84 -8.19 3.62 -6.58
CA ALA B 84 -7.27 3.87 -5.50
C ALA B 84 -6.30 4.98 -5.86
N SER B 85 -5.78 4.96 -7.08
CA SER B 85 -4.83 6.00 -7.48
C SER B 85 -5.52 7.32 -7.77
N LEU B 86 -6.72 7.25 -8.36
CA LEU B 86 -7.45 8.45 -8.65
C LEU B 86 -7.69 9.21 -7.36
N ALA B 87 -8.16 8.48 -6.34
CA ALA B 87 -8.43 9.07 -5.04
C ALA B 87 -7.25 9.88 -4.52
N LEU B 88 -6.03 9.44 -4.84
CA LEU B 88 -4.85 10.16 -4.37
C LEU B 88 -4.86 11.61 -4.81
N ASP B 89 -5.51 11.89 -5.92
CA ASP B 89 -5.58 13.27 -6.44
C ASP B 89 -6.54 14.19 -5.67
N ASP B 90 -7.16 13.69 -4.61
CA ASP B 90 -8.07 14.50 -3.81
C ASP B 90 -7.39 14.94 -2.52
N ILE B 91 -6.15 14.50 -2.30
CA ILE B 91 -5.40 14.86 -1.10
C ILE B 91 -5.15 16.36 -1.11
N VAL B 92 -5.29 16.97 0.06
CA VAL B 92 -5.10 18.39 0.21
C VAL B 92 -4.24 18.64 1.43
N ASP B 93 -3.20 19.44 1.26
CA ASP B 93 -2.32 19.76 2.37
C ASP B 93 -2.56 21.19 2.83
N LEU B 94 -2.56 21.39 4.15
CA LEU B 94 -2.79 22.71 4.74
C LEU B 94 -1.78 23.74 4.26
N ASP B 95 -2.25 24.66 3.41
CA ASP B 95 -1.42 25.71 2.82
C ASP B 95 -0.81 26.66 3.84
N ALA B 96 0.19 27.43 3.39
CA ALA B 96 0.85 28.39 4.26
C ALA B 96 0.07 29.70 4.41
N THR B 97 0.26 30.37 5.55
CA THR B 97 -0.40 31.64 5.87
C THR B 97 -1.91 31.50 6.06
N ARG B 98 -2.45 30.35 5.69
CA ARG B 98 -3.90 30.11 5.80
C ARG B 98 -4.25 28.63 6.05
N ARG B 99 -4.61 28.32 7.29
CA ARG B 99 -5.00 26.98 7.68
C ARG B 99 -6.17 27.04 8.67
N GLY B 100 -5.95 26.53 9.89
CA GLY B 100 -7.01 26.56 10.89
C GLY B 100 -6.99 25.35 11.83
N ASP B 101 -6.59 25.55 13.08
CA ASP B 101 -6.55 24.47 14.07
C ASP B 101 -7.96 24.02 14.45
N LYS B 102 -8.29 22.79 14.07
CA LYS B 102 -9.60 22.21 14.35
C LYS B 102 -10.72 22.76 13.46
N ALA B 103 -10.34 23.43 12.37
CA ALA B 103 -11.29 23.99 11.42
C ALA B 103 -11.06 23.31 10.08
N ALA B 104 -11.71 22.18 9.84
CA ALA B 104 -11.50 21.49 8.58
C ALA B 104 -12.46 20.40 8.19
N TRP B 105 -12.68 20.31 6.87
CA TRP B 105 -13.51 19.30 6.23
C TRP B 105 -12.45 18.63 5.39
N VAL B 106 -11.30 19.32 5.37
CA VAL B 106 -10.11 18.91 4.65
C VAL B 106 -9.41 17.79 5.41
N VAL B 107 -9.68 17.70 6.71
CA VAL B 107 -9.05 16.65 7.50
C VAL B 107 -9.81 15.35 7.32
N TYR B 108 -11.10 15.49 7.02
CA TYR B 108 -11.98 14.36 6.78
C TYR B 108 -11.64 13.77 5.41
N GLY B 109 -11.47 14.66 4.42
CA GLY B 109 -11.16 14.25 3.07
C GLY B 109 -9.88 13.46 3.05
N ASN B 110 -8.84 14.06 3.62
CA ASN B 110 -7.53 13.44 3.75
C ASN B 110 -7.74 12.09 4.45
N ARG B 111 -8.29 12.10 5.66
CA ARG B 111 -8.53 10.83 6.32
C ARG B 111 -9.22 9.82 5.41
N LYS B 112 -10.32 10.22 4.79
CA LYS B 112 -11.03 9.32 3.89
C LYS B 112 -10.12 8.64 2.88
N VAL B 113 -9.36 9.46 2.16
CA VAL B 113 -8.42 8.99 1.14
C VAL B 113 -7.37 8.05 1.72
N ILE B 114 -6.63 8.51 2.72
CA ILE B 114 -5.63 7.68 3.36
C ILE B 114 -6.20 6.31 3.75
N PHE B 115 -7.31 6.31 4.48
CA PHE B 115 -7.91 5.07 4.92
C PHE B 115 -8.31 4.17 3.77
N ILE B 116 -9.27 4.63 2.98
CA ILE B 116 -9.77 3.85 1.85
C ILE B 116 -8.69 3.42 0.86
N THR B 117 -7.65 4.22 0.75
CA THR B 117 -6.58 3.93 -0.18
C THR B 117 -5.79 2.70 0.25
N ASN B 118 -5.30 2.71 1.48
CA ASN B 118 -4.52 1.61 2.05
C ASN B 118 -5.31 0.33 2.15
N TYR B 119 -6.60 0.41 1.90
CA TYR B 119 -7.42 -0.77 1.99
C TYR B 119 -7.62 -1.33 0.60
N LEU B 120 -7.87 -0.46 -0.37
CA LEU B 120 -8.09 -0.91 -1.74
C LEU B 120 -6.91 -1.70 -2.28
N ILE B 121 -5.72 -1.11 -2.20
CA ILE B 121 -4.55 -1.76 -2.69
C ILE B 121 -4.40 -3.22 -2.29
N PRO B 122 -4.12 -3.50 -1.00
CA PRO B 122 -3.97 -4.90 -0.60
C PRO B 122 -5.20 -5.73 -0.95
N THR B 123 -6.35 -5.11 -0.99
CA THR B 123 -7.55 -5.88 -1.30
C THR B 123 -7.51 -6.41 -2.71
N ALA B 124 -7.14 -5.54 -3.65
CA ALA B 124 -7.06 -5.94 -5.04
C ALA B 124 -5.95 -6.99 -5.21
N LEU B 125 -4.76 -6.73 -4.66
CA LEU B 125 -3.68 -7.69 -4.79
C LEU B 125 -4.15 -9.10 -4.46
N ARG B 126 -4.94 -9.23 -3.40
CA ARG B 126 -5.42 -10.54 -3.00
C ARG B 126 -6.35 -11.18 -4.03
N ILE B 127 -7.11 -10.34 -4.73
CA ILE B 127 -8.02 -10.79 -5.79
C ILE B 127 -7.09 -11.40 -6.87
N ILE B 128 -6.06 -10.66 -7.25
CA ILE B 128 -5.11 -11.11 -8.24
C ILE B 128 -4.47 -12.43 -7.83
N GLN B 129 -4.04 -12.52 -6.59
CA GLN B 129 -3.36 -13.73 -6.14
C GLN B 129 -4.28 -14.92 -6.00
N THR B 130 -5.51 -14.67 -5.57
CA THR B 130 -6.51 -15.72 -5.41
C THR B 130 -6.97 -16.25 -6.77
N SER B 131 -6.92 -15.39 -7.79
CA SER B 131 -7.36 -15.78 -9.11
C SER B 131 -6.27 -16.28 -10.03
N TYR B 132 -5.08 -15.71 -9.94
CA TYR B 132 -4.01 -16.14 -10.85
C TYR B 132 -2.71 -16.67 -10.22
N GLY B 133 -2.67 -16.74 -8.89
CA GLY B 133 -1.47 -17.25 -8.25
C GLY B 133 -0.43 -16.20 -7.94
N ASP B 134 0.64 -16.62 -7.27
CA ASP B 134 1.72 -15.72 -6.86
C ASP B 134 2.54 -15.15 -7.99
N ASP B 135 2.48 -15.80 -9.15
CA ASP B 135 3.23 -15.28 -10.28
C ASP B 135 2.72 -13.86 -10.52
N ALA B 136 1.41 -13.75 -10.68
CA ALA B 136 0.74 -12.49 -10.91
C ALA B 136 0.86 -11.53 -9.73
N LEU B 137 1.06 -12.07 -8.55
CA LEU B 137 1.16 -11.25 -7.37
C LEU B 137 2.44 -10.43 -7.43
N ASN B 138 3.59 -11.11 -7.42
CA ASN B 138 4.85 -10.38 -7.46
C ASN B 138 4.93 -9.34 -8.57
N THR B 139 4.26 -9.59 -9.68
CA THR B 139 4.27 -8.65 -10.78
C THR B 139 3.46 -7.43 -10.44
N SER B 140 2.26 -7.69 -9.91
CA SER B 140 1.33 -6.66 -9.50
C SER B 140 1.99 -5.80 -8.43
N ILE B 141 2.54 -6.45 -7.41
CA ILE B 141 3.21 -5.72 -6.34
C ILE B 141 4.24 -4.80 -6.99
N GLU B 142 4.97 -5.33 -7.96
CA GLU B 142 5.98 -4.58 -8.67
C GLU B 142 5.39 -3.42 -9.48
N LEU B 143 4.32 -3.67 -10.22
CA LEU B 143 3.69 -2.63 -11.02
C LEU B 143 3.10 -1.56 -10.11
N GLU B 144 2.80 -1.94 -8.87
CA GLU B 144 2.23 -0.98 -7.95
C GLU B 144 3.35 0.00 -7.53
N LYS B 145 4.49 -0.54 -7.13
CA LYS B 145 5.60 0.32 -6.75
C LYS B 145 5.86 1.32 -7.87
N ASP B 146 5.74 0.89 -9.12
CA ASP B 146 5.97 1.82 -10.24
C ASP B 146 4.92 2.90 -10.26
N THR B 147 3.65 2.52 -10.21
CA THR B 147 2.61 3.52 -10.23
C THR B 147 2.90 4.50 -9.11
N SER B 148 3.47 4.01 -8.01
CA SER B 148 3.78 4.89 -6.88
C SER B 148 4.86 5.88 -7.24
N VAL B 149 5.95 5.39 -7.81
CA VAL B 149 7.05 6.27 -8.20
C VAL B 149 6.55 7.24 -9.26
N GLY B 150 5.72 6.72 -10.16
CA GLY B 150 5.16 7.52 -11.24
C GLY B 150 4.39 8.73 -10.77
N ALA B 151 4.33 8.93 -9.45
CA ALA B 151 3.63 10.07 -8.86
C ALA B 151 4.62 11.05 -8.22
N LEU B 152 5.59 10.54 -7.47
CA LEU B 152 6.56 11.43 -6.85
C LEU B 152 7.31 12.21 -7.93
N ARG B 153 7.36 11.62 -9.13
CA ARG B 153 8.04 12.24 -10.26
C ARG B 153 7.09 13.11 -11.07
N ASP B 154 5.80 12.85 -10.91
CA ASP B 154 4.77 13.62 -11.58
C ASP B 154 4.73 14.99 -10.95
N MET B 155 5.37 15.10 -9.79
CA MET B 155 5.43 16.34 -9.04
C MET B 155 6.65 17.13 -9.52
N TYR B 156 7.80 16.88 -8.89
CA TYR B 156 9.02 17.57 -9.27
C TYR B 156 10.26 16.73 -9.03
N ASP B 157 10.84 16.25 -10.12
CA ASP B 157 12.04 15.43 -10.05
C ASP B 157 12.98 15.69 -11.24
N ASN B 158 12.61 16.67 -12.07
CA ASN B 158 13.41 17.02 -13.25
C ASN B 158 13.58 15.83 -14.19
N SER B 159 12.73 14.82 -14.05
CA SER B 159 12.81 13.65 -14.91
C SER B 159 12.12 13.99 -16.22
N ASP B 160 12.56 13.34 -17.30
CA ASP B 160 11.97 13.58 -18.61
C ASP B 160 10.61 12.90 -18.74
N TYR B 161 9.75 13.44 -19.60
CA TYR B 161 8.42 12.90 -19.83
C TYR B 161 8.46 11.38 -20.02
N ILE B 162 9.59 10.88 -20.53
CA ILE B 162 9.81 9.46 -20.80
C ILE B 162 9.60 8.58 -19.56
N ARG B 163 10.55 8.62 -18.64
CA ARG B 163 10.49 7.82 -17.40
C ARG B 163 9.50 8.45 -16.42
N THR B 164 8.29 8.71 -16.89
CA THR B 164 7.27 9.32 -16.05
C THR B 164 5.89 8.99 -16.54
N ILE B 165 5.67 9.15 -17.84
CA ILE B 165 4.35 8.84 -18.37
C ILE B 165 4.19 7.32 -18.41
N GLU B 166 5.32 6.62 -18.32
CA GLU B 166 5.34 5.14 -18.34
C GLU B 166 4.98 4.61 -16.96
N LEU B 167 5.58 5.20 -15.95
CA LEU B 167 5.36 4.80 -14.56
C LEU B 167 4.00 5.26 -14.03
N LYS B 168 3.66 6.52 -14.30
CA LYS B 168 2.40 7.14 -13.84
C LYS B 168 1.13 6.41 -14.25
N THR B 169 0.89 6.37 -15.56
CA THR B 169 -0.31 5.73 -16.08
C THR B 169 0.00 4.39 -16.72
N GLY B 170 1.28 4.18 -17.01
CA GLY B 170 1.68 2.95 -17.66
C GLY B 170 1.50 1.67 -16.86
N SER B 171 2.08 1.67 -15.66
CA SER B 171 2.01 0.54 -14.78
C SER B 171 0.65 -0.15 -14.71
N LEU B 172 -0.43 0.63 -14.75
CA LEU B 172 -1.76 0.02 -14.68
C LEU B 172 -2.11 -0.75 -15.96
N PHE B 173 -1.92 -0.13 -17.11
CA PHE B 173 -2.24 -0.84 -18.35
C PHE B 173 -1.39 -2.10 -18.44
N LYS B 174 -0.09 -1.98 -18.17
CA LYS B 174 0.78 -3.15 -18.19
C LYS B 174 0.15 -4.29 -17.37
N LEU B 175 -0.48 -3.93 -16.25
CA LEU B 175 -1.09 -4.92 -15.37
C LEU B 175 -2.30 -5.56 -16.02
N SER B 176 -3.06 -4.75 -16.74
CA SER B 176 -4.27 -5.20 -17.43
C SER B 176 -3.98 -6.32 -18.41
N THR B 177 -3.06 -6.03 -19.33
CA THR B 177 -2.67 -6.97 -20.36
C THR B 177 -2.02 -8.24 -19.81
N VAL B 178 -0.97 -8.08 -19.02
CA VAL B 178 -0.26 -9.20 -18.42
C VAL B 178 -1.22 -10.15 -17.70
N LEU B 179 -2.19 -9.60 -16.97
CA LEU B 179 -3.14 -10.44 -16.28
C LEU B 179 -4.03 -11.16 -17.29
N SER B 180 -4.12 -10.60 -18.50
CA SER B 180 -4.95 -11.21 -19.55
C SER B 180 -4.28 -12.51 -20.00
N ALA B 181 -2.99 -12.61 -19.74
CA ALA B 181 -2.20 -13.78 -20.08
C ALA B 181 -2.49 -14.86 -19.06
N TYR B 182 -2.48 -14.49 -17.78
CA TYR B 182 -2.75 -15.43 -16.71
C TYR B 182 -4.19 -15.94 -16.81
N ALA B 183 -5.07 -15.09 -17.34
CA ALA B 183 -6.47 -15.44 -17.49
C ALA B 183 -6.66 -16.45 -18.62
N SER B 184 -5.84 -16.32 -19.66
CA SER B 184 -5.88 -17.21 -20.82
C SER B 184 -4.84 -18.31 -20.64
N LYS B 185 -4.33 -18.43 -19.43
CA LYS B 185 -3.34 -19.44 -19.12
C LYS B 185 -2.18 -19.52 -20.12
N HIS B 186 -1.96 -18.45 -20.88
CA HIS B 186 -0.86 -18.41 -21.85
C HIS B 186 0.35 -17.75 -21.22
N TYR B 187 1.12 -18.52 -20.46
CA TYR B 187 2.30 -17.98 -19.78
C TYR B 187 3.36 -17.35 -20.65
N ASN B 188 3.59 -17.91 -21.84
CA ASN B 188 4.61 -17.38 -22.74
C ASN B 188 4.46 -15.88 -23.03
N THR B 189 3.21 -15.40 -23.08
CA THR B 189 2.92 -13.99 -23.34
C THR B 189 3.12 -13.09 -22.13
N LYS B 190 3.77 -13.63 -21.09
CA LYS B 190 4.04 -12.86 -19.88
C LYS B 190 4.75 -11.55 -20.25
N GLN B 191 6.07 -11.61 -20.38
CA GLN B 191 6.84 -10.41 -20.74
C GLN B 191 6.32 -9.78 -22.02
N GLN B 192 5.67 -10.59 -22.85
CA GLN B 192 5.13 -10.12 -24.11
C GLN B 192 3.99 -9.12 -23.89
N MET B 193 2.89 -9.61 -23.34
CA MET B 193 1.73 -8.77 -23.06
C MET B 193 2.10 -7.56 -22.20
N LEU B 194 3.07 -7.74 -21.31
CA LEU B 194 3.51 -6.64 -20.45
C LEU B 194 3.83 -5.40 -21.29
N ASP B 195 4.44 -5.60 -22.46
CA ASP B 195 4.77 -4.47 -23.33
C ASP B 195 3.60 -3.94 -24.14
N VAL B 196 2.70 -4.84 -24.56
CA VAL B 196 1.54 -4.45 -25.37
C VAL B 196 0.62 -3.54 -24.57
N GLY B 197 0.91 -3.42 -23.28
CA GLY B 197 0.11 -2.56 -22.43
C GLY B 197 0.85 -1.26 -22.20
N LYS B 198 2.17 -1.35 -22.06
CA LYS B 198 2.98 -0.15 -21.85
C LYS B 198 2.73 0.82 -23.00
N TYR B 199 2.41 0.27 -24.16
CA TYR B 199 2.17 1.08 -25.34
C TYR B 199 0.75 1.61 -25.41
N LEU B 200 -0.21 0.85 -24.90
CA LEU B 200 -1.56 1.36 -24.92
C LEU B 200 -1.66 2.40 -23.81
N GLY B 201 -0.79 2.30 -22.82
CA GLY B 201 -0.80 3.23 -21.71
C GLY B 201 -0.20 4.59 -22.04
N ILE B 202 1.04 4.57 -22.50
CA ILE B 202 1.70 5.81 -22.86
C ILE B 202 0.78 6.61 -23.76
N ILE B 203 0.00 5.93 -24.58
CA ILE B 203 -0.94 6.60 -25.47
C ILE B 203 -2.03 7.28 -24.66
N TYR B 204 -2.77 6.48 -23.89
CA TYR B 204 -3.85 7.00 -23.07
C TYR B 204 -3.47 8.24 -22.27
N GLN B 205 -2.21 8.33 -21.83
CA GLN B 205 -1.78 9.48 -21.04
C GLN B 205 -1.33 10.66 -21.87
N VAL B 206 -0.58 10.39 -22.94
CA VAL B 206 -0.10 11.46 -23.80
C VAL B 206 -1.25 12.13 -24.54
N ILE B 207 -2.37 11.43 -24.65
CA ILE B 207 -3.54 11.97 -25.33
C ILE B 207 -4.37 12.77 -24.33
N ASP B 208 -4.40 12.30 -23.10
CA ASP B 208 -5.15 12.97 -22.04
C ASP B 208 -4.61 14.38 -21.88
N ASP B 209 -3.30 14.52 -21.94
CA ASP B 209 -2.69 15.83 -21.82
C ASP B 209 -3.13 16.72 -22.98
N PHE B 210 -3.28 16.12 -24.15
CA PHE B 210 -3.72 16.87 -25.33
C PHE B 210 -5.05 17.53 -25.00
N VAL B 211 -5.89 16.82 -24.26
CA VAL B 211 -7.21 17.32 -23.89
C VAL B 211 -7.13 18.36 -22.76
N ASP B 212 -6.01 18.38 -22.06
CA ASP B 212 -5.84 19.32 -20.96
C ASP B 212 -5.53 20.73 -21.46
N TYR B 213 -5.06 20.84 -22.69
CA TYR B 213 -4.73 22.13 -23.27
C TYR B 213 -5.83 22.65 -24.20
N LYS B 214 -6.61 21.73 -24.75
CA LYS B 214 -7.68 22.09 -25.67
C LYS B 214 -9.05 22.14 -24.99
N THR B 215 -9.12 21.65 -23.75
CA THR B 215 -10.37 21.64 -22.97
C THR B 215 -10.15 22.30 -21.60
N LYS B 216 -8.92 22.64 -21.28
CA LYS B 216 -8.58 23.30 -20.02
C LYS B 216 -7.61 24.44 -20.26
N LYS B 217 -7.61 25.42 -19.35
CA LYS B 217 -6.74 26.58 -19.45
C LYS B 217 -5.29 26.14 -19.25
N VAL B 218 -4.43 26.46 -20.20
CA VAL B 218 -3.03 26.08 -20.11
C VAL B 218 -2.43 26.40 -18.75
N GLU B 219 -2.89 27.46 -18.12
CA GLU B 219 -2.36 27.81 -16.82
C GLU B 219 -2.86 26.87 -15.72
N GLU B 220 -3.77 25.97 -16.08
CA GLU B 220 -4.35 25.02 -15.13
C GLU B 220 -4.07 23.56 -15.50
N ILE B 221 -2.78 23.22 -15.61
CA ILE B 221 -2.40 21.87 -15.98
C ILE B 221 -1.20 21.41 -15.15
N ASP B 222 -1.49 20.71 -14.06
CA ASP B 222 -0.43 20.24 -13.19
C ASP B 222 -0.20 18.75 -13.35
N GLY B 223 1.06 18.36 -13.46
CA GLY B 223 1.41 16.96 -13.61
C GLY B 223 2.41 16.72 -14.72
N SER B 224 1.90 16.40 -15.90
CA SER B 224 2.73 16.13 -17.07
C SER B 224 3.19 17.42 -17.75
N ALA B 225 2.59 18.55 -17.35
CA ALA B 225 2.94 19.85 -17.92
C ALA B 225 4.32 20.31 -17.49
N LYS B 226 4.88 19.67 -16.47
CA LYS B 226 6.20 20.01 -15.96
C LYS B 226 7.25 20.05 -17.07
N GLN B 227 7.04 19.23 -18.09
CA GLN B 227 7.94 19.17 -19.23
C GLN B 227 7.19 19.49 -20.52
N LEU B 228 5.86 19.44 -20.47
CA LEU B 228 5.05 19.71 -21.64
C LEU B 228 4.89 21.21 -21.87
N PHE B 229 5.86 21.81 -22.55
CA PHE B 229 5.84 23.24 -22.85
C PHE B 229 6.84 23.59 -23.95
N LYS B 230 7.98 22.88 -23.95
CA LYS B 230 9.02 23.10 -24.94
C LYS B 230 8.51 22.80 -26.35
N TYR B 231 7.31 22.21 -26.43
CA TYR B 231 6.71 21.89 -27.72
C TYR B 231 5.69 22.93 -28.17
N TYR B 232 4.74 23.24 -27.29
CA TYR B 232 3.69 24.18 -27.62
C TYR B 232 4.20 25.56 -28.04
N ARG B 233 5.46 25.84 -27.72
CA ARG B 233 6.07 27.12 -28.05
C ARG B 233 6.86 27.07 -29.36
N GLU B 234 7.56 25.96 -29.60
CA GLU B 234 8.35 25.79 -30.82
C GLU B 234 7.46 25.53 -32.03
N GLY B 235 6.45 24.68 -31.84
CA GLY B 235 5.52 24.36 -32.92
C GLY B 235 4.97 22.94 -32.90
N LYS B 236 5.54 22.08 -32.07
CA LYS B 236 5.10 20.67 -31.95
C LYS B 236 3.84 20.50 -31.11
N LEU B 237 2.98 21.52 -31.08
CA LEU B 237 1.74 21.44 -30.32
C LEU B 237 1.00 20.17 -30.70
N GLU B 238 0.30 20.19 -31.83
CA GLU B 238 -0.42 19.01 -32.28
C GLU B 238 0.51 18.11 -33.09
N GLU B 239 1.75 18.58 -33.28
CA GLU B 239 2.75 17.82 -34.03
C GLU B 239 3.35 16.70 -33.19
N TYR B 240 3.96 17.06 -32.07
CA TYR B 240 4.59 16.08 -31.20
C TYR B 240 3.64 14.98 -30.71
N VAL B 241 2.38 15.34 -30.53
CA VAL B 241 1.38 14.39 -30.08
C VAL B 241 1.25 13.24 -31.08
N ARG B 242 1.56 13.53 -32.35
CA ARG B 242 1.48 12.53 -33.41
C ARG B 242 2.79 11.76 -33.55
N SER B 243 3.91 12.44 -33.33
CA SER B 243 5.24 11.84 -33.44
C SER B 243 5.35 10.55 -32.64
N VAL B 244 4.93 10.64 -31.39
CA VAL B 244 4.95 9.50 -30.49
C VAL B 244 3.84 8.50 -30.82
N TYR B 245 2.70 9.01 -31.27
CA TYR B 245 1.59 8.13 -31.59
C TYR B 245 1.97 7.10 -32.64
N LEU B 246 2.10 7.54 -33.88
CA LEU B 246 2.46 6.65 -34.99
C LEU B 246 3.64 5.77 -34.58
N GLU B 247 4.51 6.31 -33.73
CA GLU B 247 5.68 5.58 -33.27
C GLU B 247 5.27 4.41 -32.38
N TYR B 248 4.53 4.72 -31.33
CA TYR B 248 4.08 3.70 -30.40
C TYR B 248 2.86 2.95 -30.94
N LYS B 249 2.32 3.46 -32.05
CA LYS B 249 1.17 2.86 -32.72
C LYS B 249 1.65 1.72 -33.63
N GLN B 250 2.70 1.99 -34.40
CA GLN B 250 3.26 0.98 -35.27
C GLN B 250 4.05 -0.01 -34.43
N LYS B 251 4.70 0.48 -33.37
CA LYS B 251 5.48 -0.37 -32.47
C LYS B 251 4.53 -1.31 -31.76
N TYR B 252 3.26 -0.94 -31.75
CA TYR B 252 2.21 -1.74 -31.14
C TYR B 252 1.87 -2.86 -32.10
N ASP B 253 1.64 -2.52 -33.37
CA ASP B 253 1.33 -3.51 -34.39
C ASP B 253 2.58 -4.32 -34.68
N GLU B 254 3.72 -3.66 -34.55
CA GLU B 254 5.02 -4.29 -34.78
C GLU B 254 5.19 -5.52 -33.91
N LEU B 255 4.51 -5.52 -32.76
CA LEU B 255 4.59 -6.64 -31.83
C LEU B 255 3.29 -7.46 -31.80
N ILE B 256 2.16 -6.79 -31.99
CA ILE B 256 0.87 -7.50 -31.99
C ILE B 256 0.80 -8.50 -33.14
N SER B 257 1.61 -8.30 -34.17
CA SER B 257 1.62 -9.19 -35.33
C SER B 257 2.30 -10.51 -34.95
N ASN B 258 3.22 -10.44 -33.99
CA ASN B 258 3.93 -11.63 -33.56
C ASN B 258 3.49 -12.14 -32.19
N ILE B 259 2.17 -12.10 -31.96
CA ILE B 259 1.63 -12.60 -30.69
C ILE B 259 0.49 -13.56 -31.01
N PRO B 260 0.55 -14.78 -30.46
CA PRO B 260 -0.49 -15.78 -30.70
C PRO B 260 -1.92 -15.40 -30.36
N PHE B 261 -2.56 -14.67 -31.27
CA PHE B 261 -3.95 -14.26 -31.08
C PHE B 261 -4.87 -15.06 -31.99
N GLN B 262 -6.16 -15.04 -31.70
CA GLN B 262 -7.13 -15.76 -32.52
C GLN B 262 -7.49 -14.95 -33.75
N SER B 263 -8.34 -15.54 -34.59
CA SER B 263 -8.78 -14.92 -35.82
C SER B 263 -9.79 -13.81 -35.58
N LYS B 264 -10.98 -14.18 -35.09
CA LYS B 264 -12.05 -13.21 -34.84
C LYS B 264 -11.59 -11.97 -34.08
N TYR B 265 -10.69 -12.16 -33.11
CA TYR B 265 -10.17 -11.06 -32.31
C TYR B 265 -8.72 -10.79 -32.68
N LEU B 266 -8.50 -10.36 -33.93
CA LEU B 266 -7.15 -10.08 -34.40
C LEU B 266 -7.06 -8.67 -34.95
N SER B 267 -7.68 -8.42 -36.10
CA SER B 267 -7.65 -7.10 -36.73
C SER B 267 -8.11 -6.02 -35.77
N GLU B 268 -9.15 -6.33 -35.01
CA GLU B 268 -9.71 -5.40 -34.04
C GLU B 268 -8.63 -4.97 -33.05
N ILE B 269 -7.84 -5.94 -32.58
CA ILE B 269 -6.75 -5.67 -31.65
C ILE B 269 -5.80 -4.65 -32.26
N ARG B 270 -5.55 -4.79 -33.56
CA ARG B 270 -4.67 -3.86 -34.25
C ARG B 270 -5.25 -2.47 -34.11
N SER B 271 -6.45 -2.29 -34.65
CA SER B 271 -7.14 -1.01 -34.59
C SER B 271 -7.80 -0.82 -33.23
N LEU B 272 -6.97 -0.72 -32.19
CA LEU B 272 -7.46 -0.55 -30.83
C LEU B 272 -6.87 0.73 -30.22
N PRO B 273 -5.59 1.03 -30.49
CA PRO B 273 -5.01 2.25 -29.91
C PRO B 273 -5.86 3.49 -30.14
N GLU B 274 -6.71 3.45 -31.17
CA GLU B 274 -7.59 4.57 -31.50
C GLU B 274 -8.66 4.78 -30.43
N PHE B 275 -9.27 3.69 -29.98
CA PHE B 275 -10.33 3.77 -28.96
C PHE B 275 -9.83 4.62 -27.80
N LEU B 276 -8.71 4.21 -27.22
CA LEU B 276 -8.09 4.93 -26.10
C LEU B 276 -7.46 6.24 -26.57
N ALA B 277 -8.04 6.83 -27.61
CA ALA B 277 -7.56 8.09 -28.17
C ALA B 277 -8.78 8.90 -28.59
N ASN B 278 -9.67 8.25 -29.35
CA ASN B 278 -10.90 8.86 -29.83
C ASN B 278 -11.91 8.97 -28.68
N GLY B 279 -12.02 7.92 -27.87
CA GLY B 279 -12.94 7.96 -26.75
C GLY B 279 -12.52 8.99 -25.72
N LEU B 280 -11.30 9.50 -25.86
CA LEU B 280 -10.77 10.52 -24.95
C LEU B 280 -10.50 11.82 -25.72
N LEU B 281 -10.97 11.87 -26.96
CA LEU B 281 -10.80 13.03 -27.82
C LEU B 281 -12.19 13.51 -28.24
N LYS B 282 -13.22 12.94 -27.61
CA LYS B 282 -14.59 13.28 -27.91
C LYS B 282 -15.04 14.41 -26.97
N GLU B 283 -14.13 15.35 -26.71
CA GLU B 283 -14.40 16.47 -25.83
C GLU B 283 -14.73 17.73 -26.65
N ALA B 284 -13.70 18.33 -27.24
CA ALA B 284 -13.86 19.53 -28.06
C ALA B 284 -13.20 19.32 -29.43
#